data_1E6A
#
_entry.id   1E6A
#
_cell.length_a   57.770
_cell.length_b   102.340
_cell.length_c   115.630
_cell.angle_alpha   90.00
_cell.angle_beta   90.00
_cell.angle_gamma   90.00
#
_symmetry.space_group_name_H-M   'P 21 21 21'
#
loop_
_entity.id
_entity.type
_entity.pdbx_description
1 polymer 'INORGANIC PYROPHOSPHATASE'
2 non-polymer 'MANGANESE (II) ION'
3 non-polymer 'PYROPHOSPHATE 2-'
4 non-polymer 'FLUORIDE ION'
5 non-polymer 'SODIUM ION'
6 non-polymer 'PHOSPHATE ION'
7 water water
#
_entity_poly.entity_id   1
_entity_poly.type   'polypeptide(L)'
_entity_poly.pdbx_seq_one_letter_code
;TYTTRQIGAKNTLEYKVYIEKDGKPVSAFHDIPLYADKENNIFNMVVEIPRWTNAKLEITKEETLNPIIQDTKKGKLRFV
RNCFPHHGYIHNYGAFPQTWEDPNVSHPETKAVGDNDPIDVLEIGETIAYTGQVKQVKALGIMALLDEGETDWKVIAIDI
NDPLAPKLNDIEDVEKYFPGLLRATNEWFRIYKIPDGKPENQFAFSGEAKNKKYALDIIKETHDSWKQLIAGKSSDSKGI
DLTNVTLPDTPTYSKAASDAIPPASLKADAPIDKSIDKWFFISGSV
;
_entity_poly.pdbx_strand_id   A,B
#
# COMPACT_ATOMS: atom_id res chain seq x y z
N THR A 1 -19.38 8.95 -23.44
CA THR A 1 -18.84 9.02 -22.05
C THR A 1 -18.93 7.65 -21.37
N TYR A 2 -17.82 7.25 -20.76
CA TYR A 2 -17.76 5.97 -20.07
C TYR A 2 -17.90 6.12 -18.56
N THR A 3 -18.74 5.27 -17.98
CA THR A 3 -18.95 5.26 -16.55
C THR A 3 -18.97 3.80 -16.15
N THR A 4 -19.21 3.54 -14.87
CA THR A 4 -19.23 2.17 -14.39
C THR A 4 -20.53 1.84 -13.69
N ARG A 5 -20.94 0.58 -13.79
CA ARG A 5 -22.14 0.11 -13.11
C ARG A 5 -21.67 -0.98 -12.17
N GLN A 6 -21.76 -0.73 -10.87
CA GLN A 6 -21.33 -1.73 -9.90
C GLN A 6 -22.49 -2.50 -9.30
N ILE A 7 -22.31 -3.82 -9.24
CA ILE A 7 -23.31 -4.69 -8.66
C ILE A 7 -22.64 -5.42 -7.51
N GLY A 8 -23.24 -5.32 -6.34
CA GLY A 8 -22.70 -6.01 -5.17
C GLY A 8 -21.62 -5.24 -4.45
N ALA A 9 -20.99 -5.91 -3.50
CA ALA A 9 -19.93 -5.32 -2.71
C ALA A 9 -18.57 -5.83 -3.18
N LYS A 10 -17.59 -4.94 -3.23
CA LYS A 10 -16.25 -5.32 -3.64
C LYS A 10 -15.76 -6.38 -2.67
N ASN A 11 -14.91 -7.27 -3.17
CA ASN A 11 -14.33 -8.34 -2.37
C ASN A 11 -15.32 -9.45 -2.04
N THR A 12 -16.24 -9.72 -2.97
CA THR A 12 -17.22 -10.78 -2.82
C THR A 12 -17.37 -11.41 -4.20
N LEU A 13 -17.91 -12.62 -4.23
CA LEU A 13 -18.12 -13.35 -5.48
C LEU A 13 -19.21 -12.74 -6.37
N GLU A 14 -20.14 -12.01 -5.76
CA GLU A 14 -21.24 -11.39 -6.48
C GLU A 14 -20.85 -10.07 -7.15
N TYR A 15 -19.74 -9.50 -6.73
CA TYR A 15 -19.23 -8.22 -7.29
C TYR A 15 -18.98 -8.25 -8.81
N LYS A 16 -19.54 -7.25 -9.49
CA LYS A 16 -19.38 -7.09 -10.92
C LYS A 16 -19.36 -5.61 -11.24
N VAL A 17 -18.53 -5.23 -12.19
CA VAL A 17 -18.48 -3.84 -12.62
C VAL A 17 -18.57 -3.87 -14.14
N TYR A 18 -19.67 -3.31 -14.66
CA TYR A 18 -19.88 -3.21 -16.09
C TYR A 18 -19.49 -1.81 -16.51
N ILE A 19 -18.96 -1.69 -17.72
CA ILE A 19 -18.61 -0.39 -18.25
C ILE A 19 -19.82 0.04 -19.08
N GLU A 20 -20.23 1.29 -18.87
CA GLU A 20 -21.36 1.85 -19.59
C GLU A 20 -20.91 2.93 -20.55
N LYS A 21 -21.55 2.98 -21.71
CA LYS A 21 -21.26 4.05 -22.66
C LYS A 21 -22.56 4.83 -22.68
N ASP A 22 -22.50 6.07 -22.24
CA ASP A 22 -23.67 6.93 -22.17
C ASP A 22 -24.80 6.22 -21.44
N GLY A 23 -24.45 5.67 -20.28
CA GLY A 23 -25.42 4.99 -19.43
C GLY A 23 -25.81 3.57 -19.80
N LYS A 24 -25.40 3.10 -20.96
CA LYS A 24 -25.77 1.75 -21.36
C LYS A 24 -24.57 0.82 -21.33
N PRO A 25 -24.70 -0.34 -20.65
CA PRO A 25 -23.61 -1.31 -20.56
C PRO A 25 -23.15 -1.84 -21.91
N VAL A 26 -21.83 -1.94 -22.08
CA VAL A 26 -21.25 -2.48 -23.31
C VAL A 26 -20.22 -3.52 -22.87
N SER A 27 -19.71 -4.33 -23.80
CA SER A 27 -18.72 -5.32 -23.44
C SER A 27 -17.39 -4.62 -23.15
N ALA A 28 -16.85 -4.83 -21.96
CA ALA A 28 -15.57 -4.23 -21.60
C ALA A 28 -14.47 -4.85 -22.45
N PHE A 29 -14.75 -6.01 -23.03
CA PHE A 29 -13.79 -6.74 -23.85
C PHE A 29 -13.84 -6.33 -25.33
N HIS A 30 -15.05 -6.31 -25.89
CA HIS A 30 -15.22 -6.05 -27.30
C HIS A 30 -15.73 -4.70 -27.79
N ASP A 31 -16.50 -4.00 -26.95
CA ASP A 31 -17.10 -2.74 -27.37
C ASP A 31 -16.34 -1.45 -27.11
N ILE A 32 -15.27 -1.51 -26.33
CA ILE A 32 -14.50 -0.30 -26.08
C ILE A 32 -13.41 -0.31 -27.14
N PRO A 33 -13.34 0.75 -27.95
CA PRO A 33 -12.31 0.82 -28.99
C PRO A 33 -10.90 0.74 -28.42
N LEU A 34 -10.05 -0.03 -29.08
CA LEU A 34 -8.67 -0.13 -28.65
C LEU A 34 -8.04 1.26 -28.74
N TYR A 35 -8.29 1.95 -29.84
CA TYR A 35 -7.73 3.28 -30.07
C TYR A 35 -8.61 4.45 -29.65
N ALA A 36 -8.01 5.38 -28.92
CA ALA A 36 -8.71 6.59 -28.52
C ALA A 36 -8.33 7.56 -29.65
N ASP A 37 -7.08 7.48 -30.09
CA ASP A 37 -6.54 8.29 -31.19
C ASP A 37 -5.48 7.40 -31.84
N LYS A 38 -5.89 6.67 -32.87
CA LYS A 38 -5.02 5.73 -33.53
C LYS A 38 -3.68 6.26 -34.04
N GLU A 39 -3.69 7.29 -34.87
CA GLU A 39 -2.45 7.82 -35.43
C GLU A 39 -1.53 8.49 -34.42
N ASN A 40 -2.06 8.87 -33.25
CA ASN A 40 -1.22 9.46 -32.23
C ASN A 40 -0.86 8.41 -31.21
N ASN A 41 -1.25 7.18 -31.52
CA ASN A 41 -0.95 6.06 -30.65
C ASN A 41 -1.51 6.20 -29.23
N ILE A 42 -2.74 6.70 -29.13
N ILE A 42 -2.74 6.69 -29.14
CA ILE A 42 -3.37 6.85 -27.83
CA ILE A 42 -3.38 6.85 -27.84
C ILE A 42 -4.40 5.73 -27.73
C ILE A 42 -4.42 5.74 -27.72
N PHE A 43 -4.30 4.94 -26.67
CA PHE A 43 -5.20 3.83 -26.46
C PHE A 43 -6.17 3.99 -25.30
N ASN A 44 -7.25 3.24 -25.37
CA ASN A 44 -8.20 3.23 -24.30
C ASN A 44 -7.75 2.04 -23.46
N MET A 45 -7.32 2.25 -22.21
CA MET A 45 -7.05 1.23 -21.23
C MET A 45 -8.28 0.99 -20.37
N VAL A 46 -8.61 -0.28 -20.12
CA VAL A 46 -9.68 -0.61 -19.20
C VAL A 46 -8.93 -0.95 -17.88
N VAL A 47 -9.14 -0.16 -16.83
CA VAL A 47 -8.48 -0.43 -15.56
C VAL A 47 -9.22 -1.50 -14.78
N GLU A 48 -8.48 -2.47 -14.24
CA GLU A 48 -9.08 -3.54 -13.46
C GLU A 48 -8.63 -3.50 -12.00
N ILE A 49 -7.32 -3.30 -11.79
CA ILE A 49 -6.75 -3.29 -10.44
C ILE A 49 -6.00 -1.99 -10.12
N PRO A 50 -6.46 -1.25 -9.08
CA PRO A 50 -5.82 0.00 -8.66
C PRO A 50 -4.46 -0.30 -8.06
N ARG A 51 -3.53 0.64 -8.20
CA ARG A 51 -2.20 0.43 -7.64
C ARG A 51 -2.30 0.21 -6.13
N TRP A 52 -1.44 -0.67 -5.62
CA TRP A 52 -1.36 -1.02 -4.20
C TRP A 52 -2.54 -1.79 -3.62
N THR A 53 -3.34 -2.41 -4.47
CA THR A 53 -4.47 -3.23 -3.98
C THR A 53 -4.13 -4.70 -4.27
N ASN A 54 -4.91 -5.61 -3.69
CA ASN A 54 -4.66 -7.05 -3.84
C ASN A 54 -5.69 -7.88 -4.60
N ALA A 55 -6.97 -7.54 -4.45
CA ALA A 55 -8.05 -8.27 -5.10
C ALA A 55 -7.74 -8.37 -6.60
N LYS A 56 -7.62 -9.61 -7.10
CA LYS A 56 -7.31 -9.80 -8.52
C LYS A 56 -8.58 -9.70 -9.36
N LEU A 57 -9.01 -8.46 -9.61
CA LEU A 57 -10.19 -8.18 -10.40
C LEU A 57 -9.80 -8.25 -11.87
N GLU A 58 -10.66 -8.81 -12.71
N GLU A 58 -10.71 -8.73 -12.72
CA GLU A 58 -10.36 -9.00 -14.15
CA GLU A 58 -10.42 -8.81 -14.14
C GLU A 58 -11.62 -8.94 -15.02
C GLU A 58 -11.68 -8.86 -14.97
N ILE A 59 -11.56 -8.35 -16.19
CA ILE A 59 -12.61 -8.47 -17.18
C ILE A 59 -12.86 -9.97 -17.32
N THR A 60 -14.08 -10.44 -17.10
CA THR A 60 -14.34 -11.88 -17.22
C THR A 60 -14.71 -12.20 -18.67
N LYS A 61 -14.09 -13.24 -19.22
CA LYS A 61 -14.34 -13.61 -20.61
C LYS A 61 -15.61 -14.44 -20.80
N GLU A 62 -16.05 -15.13 -19.76
CA GLU A 62 -17.20 -16.00 -19.88
C GLU A 62 -18.56 -15.50 -19.38
N GLU A 63 -18.69 -14.18 -19.26
CA GLU A 63 -19.96 -13.59 -18.84
C GLU A 63 -20.34 -12.56 -19.89
N THR A 64 -21.64 -12.46 -20.19
CA THR A 64 -22.11 -11.52 -21.20
C THR A 64 -21.77 -10.07 -20.87
N LEU A 65 -21.17 -9.42 -21.85
CA LEU A 65 -20.73 -8.04 -21.75
C LEU A 65 -19.42 -7.96 -20.95
N ASN A 66 -18.94 -9.12 -20.49
CA ASN A 66 -17.58 -9.17 -19.91
C ASN A 66 -17.35 -8.19 -18.79
N PRO A 67 -18.20 -8.23 -17.76
CA PRO A 67 -17.98 -7.29 -16.65
C PRO A 67 -16.71 -7.67 -15.90
N ILE A 68 -16.20 -6.74 -15.10
CA ILE A 68 -15.03 -6.99 -14.30
C ILE A 68 -15.51 -7.67 -13.03
N ILE A 69 -14.91 -8.80 -12.69
CA ILE A 69 -15.27 -9.53 -11.49
C ILE A 69 -13.97 -9.98 -10.85
N GLN A 70 -14.05 -10.50 -9.63
CA GLN A 70 -12.84 -10.96 -8.99
C GLN A 70 -12.50 -12.38 -9.40
N ASP A 71 -11.24 -12.60 -9.77
CA ASP A 71 -10.77 -13.91 -10.18
C ASP A 71 -10.87 -14.82 -8.95
N THR A 72 -10.92 -16.13 -9.21
CA THR A 72 -11.02 -17.09 -8.12
C THR A 72 -10.12 -18.28 -8.38
N LYS A 73 -9.71 -18.95 -7.31
CA LYS A 73 -8.86 -20.12 -7.37
C LYS A 73 -9.41 -21.11 -6.39
N LYS A 74 -9.62 -22.34 -6.84
CA LYS A 74 -10.17 -23.37 -5.98
C LYS A 74 -11.41 -22.87 -5.25
N GLY A 75 -12.29 -22.21 -6.00
CA GLY A 75 -13.53 -21.71 -5.42
C GLY A 75 -13.43 -20.53 -4.48
N LYS A 76 -12.24 -19.98 -4.28
CA LYS A 76 -12.06 -18.85 -3.38
C LYS A 76 -11.62 -17.58 -4.09
N LEU A 77 -12.08 -16.44 -3.59
CA LEU A 77 -11.72 -15.15 -4.14
C LEU A 77 -10.21 -15.05 -4.14
N ARG A 78 -9.67 -14.61 -5.26
CA ARG A 78 -8.22 -14.50 -5.37
C ARG A 78 -7.67 -13.13 -5.05
N PHE A 79 -6.69 -13.10 -4.15
CA PHE A 79 -6.02 -11.86 -3.79
C PHE A 79 -4.54 -12.10 -4.04
N VAL A 80 -3.89 -11.17 -4.75
CA VAL A 80 -2.46 -11.31 -5.00
C VAL A 80 -1.77 -10.89 -3.70
N ARG A 81 -0.82 -11.70 -3.26
CA ARG A 81 -0.12 -11.43 -2.01
C ARG A 81 0.95 -10.35 -2.12
N ASN A 82 1.29 -9.77 -0.97
CA ASN A 82 2.30 -8.73 -0.87
C ASN A 82 3.69 -9.34 -0.84
N CYS A 83 4.51 -8.96 -1.81
CA CYS A 83 5.88 -9.47 -1.90
C CYS A 83 6.84 -8.31 -1.68
N PHE A 84 7.56 -8.35 -0.56
CA PHE A 84 8.51 -7.30 -0.22
C PHE A 84 9.41 -6.99 -1.40
N PRO A 85 9.67 -5.70 -1.67
CA PRO A 85 9.20 -4.51 -0.95
C PRO A 85 7.92 -3.93 -1.52
N HIS A 86 7.15 -4.75 -2.23
CA HIS A 86 5.94 -4.27 -2.88
C HIS A 86 4.66 -4.49 -2.10
N HIS A 87 3.72 -3.57 -2.29
CA HIS A 87 2.42 -3.66 -1.63
C HIS A 87 1.40 -3.88 -2.73
N GLY A 88 0.84 -5.09 -2.79
CA GLY A 88 -0.13 -5.41 -3.83
C GLY A 88 0.49 -5.12 -5.18
N TYR A 89 -0.31 -4.62 -6.12
CA TYR A 89 0.18 -4.29 -7.46
C TYR A 89 0.92 -2.96 -7.37
N ILE A 90 2.02 -2.85 -8.11
CA ILE A 90 2.80 -1.62 -8.09
C ILE A 90 2.47 -0.72 -9.27
N HIS A 91 1.45 -1.10 -10.03
CA HIS A 91 0.98 -0.28 -11.15
C HIS A 91 -0.53 -0.36 -11.19
N ASN A 92 -1.15 0.63 -11.80
CA ASN A 92 -2.58 0.52 -12.04
C ASN A 92 -2.62 -0.55 -13.13
N TYR A 93 -3.25 -1.68 -12.83
CA TYR A 93 -3.25 -2.82 -13.74
C TYR A 93 -4.53 -3.01 -14.51
N GLY A 94 -4.37 -3.26 -15.81
CA GLY A 94 -5.53 -3.45 -16.64
C GLY A 94 -5.26 -4.14 -17.95
N ALA A 95 -6.04 -3.76 -18.95
CA ALA A 95 -5.96 -4.37 -20.23
C ALA A 95 -6.34 -3.37 -21.32
N PHE A 96 -6.10 -3.77 -22.57
CA PHE A 96 -6.51 -2.99 -23.73
C PHE A 96 -7.67 -3.78 -24.30
N PRO A 97 -8.84 -3.13 -24.49
CA PRO A 97 -9.96 -3.88 -25.06
C PRO A 97 -9.65 -4.22 -26.51
N GLN A 98 -10.43 -5.13 -27.09
CA GLN A 98 -10.25 -5.54 -28.48
C GLN A 98 -8.86 -6.09 -28.80
N THR A 99 -8.29 -6.83 -27.86
CA THR A 99 -6.99 -7.47 -28.07
C THR A 99 -7.13 -8.88 -27.51
N TRP A 100 -6.24 -9.77 -27.94
CA TRP A 100 -6.31 -11.13 -27.46
C TRP A 100 -4.96 -11.82 -27.62
N GLU A 101 -4.50 -12.44 -26.55
CA GLU A 101 -3.26 -13.21 -26.58
C GLU A 101 -3.74 -14.58 -27.06
N ASP A 102 -3.68 -14.77 -28.37
CA ASP A 102 -4.13 -16.01 -28.99
C ASP A 102 -3.49 -17.25 -28.37
N PRO A 103 -4.31 -18.12 -27.77
CA PRO A 103 -3.81 -19.34 -27.14
C PRO A 103 -3.65 -20.46 -28.16
N ASN A 104 -4.13 -20.25 -29.37
CA ASN A 104 -4.08 -21.29 -30.40
C ASN A 104 -2.89 -21.30 -31.33
N VAL A 105 -1.95 -20.41 -31.10
CA VAL A 105 -0.77 -20.38 -31.93
C VAL A 105 0.41 -20.00 -31.05
N SER A 106 1.56 -20.64 -31.28
CA SER A 106 2.75 -20.35 -30.53
C SER A 106 3.29 -19.03 -31.06
N HIS A 107 3.51 -18.07 -30.17
CA HIS A 107 4.03 -16.79 -30.58
C HIS A 107 5.55 -16.93 -30.75
N PRO A 108 6.07 -16.58 -31.93
CA PRO A 108 7.50 -16.66 -32.27
C PRO A 108 8.50 -15.94 -31.37
N GLU A 109 8.16 -14.76 -30.89
CA GLU A 109 9.06 -13.99 -30.03
C GLU A 109 9.26 -14.66 -28.68
N THR A 110 8.19 -15.25 -28.17
CA THR A 110 8.22 -15.90 -26.87
C THR A 110 8.18 -17.42 -26.94
N LYS A 111 7.89 -17.95 -28.12
CA LYS A 111 7.82 -19.40 -28.31
C LYS A 111 6.82 -20.06 -27.36
N ALA A 112 5.65 -19.46 -27.22
CA ALA A 112 4.63 -20.01 -26.35
C ALA A 112 3.27 -19.48 -26.78
N VAL A 113 2.23 -20.25 -26.49
CA VAL A 113 0.88 -19.83 -26.83
C VAL A 113 0.50 -18.66 -25.91
N GLY A 114 -0.45 -17.84 -26.35
CA GLY A 114 -0.88 -16.70 -25.56
C GLY A 114 -1.74 -17.16 -24.40
N ASP A 115 -1.97 -16.30 -23.42
CA ASP A 115 -2.76 -16.69 -22.25
C ASP A 115 -4.27 -16.53 -22.39
N ASN A 116 -4.75 -16.38 -23.63
CA ASN A 116 -6.18 -16.29 -23.89
C ASN A 116 -6.89 -15.05 -23.38
N ASP A 117 -6.15 -14.05 -22.98
N ASP A 117 -6.10 -14.03 -22.95
CA ASP A 117 -6.75 -12.82 -22.47
CA ASP A 117 -6.69 -12.78 -22.46
C ASP A 117 -6.29 -11.59 -23.21
C ASP A 117 -6.30 -11.54 -23.23
N PRO A 118 -7.04 -10.47 -23.06
N PRO A 118 -7.01 -10.42 -22.98
CA PRO A 118 -6.65 -9.24 -23.75
CA PRO A 118 -6.66 -9.18 -23.69
C PRO A 118 -5.22 -8.92 -23.31
C PRO A 118 -5.23 -8.85 -23.26
N ILE A 119 -4.48 -8.14 -24.08
CA ILE A 119 -3.12 -7.80 -23.73
C ILE A 119 -3.13 -7.01 -22.41
N ASP A 120 -2.15 -7.25 -21.55
CA ASP A 120 -2.09 -6.58 -20.26
C ASP A 120 -1.40 -5.23 -20.29
N VAL A 121 -1.92 -4.30 -19.48
CA VAL A 121 -1.37 -2.96 -19.43
C VAL A 121 -1.01 -2.50 -18.01
N LEU A 122 0.18 -1.95 -17.87
CA LEU A 122 0.67 -1.43 -16.60
C LEU A 122 0.71 0.09 -16.75
N GLU A 123 -0.19 0.79 -16.07
CA GLU A 123 -0.21 2.24 -16.18
C GLU A 123 0.57 2.81 -14.99
N ILE A 124 1.63 3.54 -15.31
CA ILE A 124 2.55 4.07 -14.29
C ILE A 124 2.32 5.46 -13.72
N GLY A 125 1.23 6.13 -14.12
CA GLY A 125 0.95 7.47 -13.64
C GLY A 125 0.89 7.60 -12.12
N GLU A 126 0.91 8.84 -11.64
CA GLU A 126 0.90 9.07 -10.20
C GLU A 126 -0.42 8.77 -9.51
N THR A 127 -1.53 9.02 -10.20
CA THR A 127 -2.85 8.80 -9.61
C THR A 127 -3.27 7.34 -9.59
N ILE A 128 -3.88 6.91 -8.48
CA ILE A 128 -4.36 5.55 -8.36
C ILE A 128 -5.69 5.50 -9.13
N ALA A 129 -5.80 4.56 -10.06
CA ALA A 129 -7.00 4.41 -10.89
C ALA A 129 -8.11 3.68 -10.16
N TYR A 130 -9.24 3.52 -10.83
CA TYR A 130 -10.36 2.80 -10.24
C TYR A 130 -10.80 1.68 -11.19
N THR A 131 -11.30 0.61 -10.61
CA THR A 131 -11.76 -0.53 -11.39
C THR A 131 -12.91 -0.12 -12.33
N GLY A 132 -12.80 -0.49 -13.60
CA GLY A 132 -13.83 -0.16 -14.56
C GLY A 132 -13.52 1.12 -15.31
N GLN A 133 -12.52 1.85 -14.81
CA GLN A 133 -12.13 3.10 -15.43
C GLN A 133 -11.58 2.90 -16.83
N VAL A 134 -11.97 3.78 -17.74
CA VAL A 134 -11.45 3.73 -19.09
C VAL A 134 -10.63 5.01 -19.18
N LYS A 135 -9.31 4.84 -19.28
CA LYS A 135 -8.46 6.02 -19.38
C LYS A 135 -7.65 5.96 -20.66
N GLN A 136 -7.24 7.12 -21.15
CA GLN A 136 -6.45 7.17 -22.37
C GLN A 136 -4.98 7.15 -21.97
N VAL A 137 -4.24 6.23 -22.58
CA VAL A 137 -2.83 6.09 -22.28
C VAL A 137 -1.97 6.02 -23.53
N LYS A 138 -0.70 6.30 -23.36
CA LYS A 138 0.24 6.19 -24.46
C LYS A 138 1.17 5.04 -24.08
N ALA A 139 1.51 4.20 -25.06
CA ALA A 139 2.39 3.07 -24.82
C ALA A 139 3.82 3.57 -24.82
N LEU A 140 4.61 3.11 -23.86
CA LEU A 140 5.99 3.54 -23.75
C LEU A 140 6.95 2.40 -24.06
N GLY A 141 6.52 1.18 -23.75
CA GLY A 141 7.36 0.02 -24.00
C GLY A 141 6.58 -1.24 -23.68
N ILE A 142 7.25 -2.38 -23.72
CA ILE A 142 6.59 -3.64 -23.43
C ILE A 142 7.62 -4.68 -22.98
N MET A 143 7.19 -5.56 -22.10
CA MET A 143 8.00 -6.64 -21.55
C MET A 143 7.39 -7.99 -21.94
N ALA A 144 8.23 -8.95 -22.32
CA ALA A 144 7.80 -10.27 -22.76
C ALA A 144 7.77 -11.26 -21.59
N LEU A 145 6.73 -11.17 -20.78
CA LEU A 145 6.61 -12.07 -19.65
C LEU A 145 6.11 -13.46 -20.04
N LEU A 146 6.82 -14.51 -19.62
CA LEU A 146 6.31 -15.82 -19.83
C LEU A 146 5.63 -16.13 -18.49
N ASP A 147 4.30 -16.03 -18.42
CA ASP A 147 3.61 -16.29 -17.16
C ASP A 147 3.09 -17.72 -17.16
N GLU A 148 3.65 -18.55 -16.28
CA GLU A 148 3.28 -19.96 -16.20
C GLU A 148 3.38 -20.58 -17.59
N GLY A 149 4.48 -20.25 -18.27
CA GLY A 149 4.75 -20.78 -19.59
C GLY A 149 3.92 -20.28 -20.75
N GLU A 150 3.20 -19.19 -20.55
CA GLU A 150 2.36 -18.63 -21.62
C GLU A 150 2.75 -17.21 -21.96
N THR A 151 2.68 -16.87 -23.25
CA THR A 151 3.00 -15.53 -23.70
C THR A 151 2.04 -14.60 -22.99
N ASP A 152 2.60 -13.66 -22.24
CA ASP A 152 1.80 -12.76 -21.45
C ASP A 152 2.42 -11.36 -21.35
N TRP A 153 2.58 -10.72 -22.52
CA TRP A 153 3.15 -9.39 -22.61
C TRP A 153 2.56 -8.41 -21.63
N LYS A 154 3.41 -7.51 -21.15
CA LYS A 154 3.02 -6.45 -20.24
C LYS A 154 3.40 -5.13 -20.87
N VAL A 155 2.39 -4.36 -21.26
CA VAL A 155 2.61 -3.06 -21.87
C VAL A 155 2.87 -2.02 -20.78
N ILE A 156 3.88 -1.18 -20.99
CA ILE A 156 4.19 -0.12 -20.05
C ILE A 156 3.53 1.13 -20.63
N ALA A 157 2.62 1.72 -19.86
CA ALA A 157 1.90 2.88 -20.35
C ALA A 157 1.69 3.97 -19.32
N ILE A 158 1.28 5.14 -19.79
CA ILE A 158 1.00 6.23 -18.89
C ILE A 158 -0.21 7.04 -19.31
N ASP A 159 -1.04 7.38 -18.32
CA ASP A 159 -2.24 8.16 -18.53
C ASP A 159 -1.82 9.46 -19.21
N ILE A 160 -2.47 9.81 -20.31
CA ILE A 160 -2.11 11.05 -21.02
C ILE A 160 -2.39 12.29 -20.16
N ASN A 161 -3.18 12.13 -19.10
CA ASN A 161 -3.49 13.24 -18.23
C ASN A 161 -2.47 13.38 -17.10
N ASP A 162 -1.49 12.50 -17.07
CA ASP A 162 -0.48 12.59 -16.03
C ASP A 162 0.45 13.78 -16.26
N PRO A 163 0.83 14.47 -15.18
CA PRO A 163 1.71 15.63 -15.28
C PRO A 163 3.00 15.35 -16.06
N LEU A 164 3.51 14.13 -15.97
CA LEU A 164 4.74 13.78 -16.68
C LEU A 164 4.53 13.24 -18.09
N ALA A 165 3.29 13.03 -18.48
CA ALA A 165 3.00 12.47 -19.79
C ALA A 165 3.81 13.12 -20.91
N PRO A 166 3.76 14.46 -21.02
CA PRO A 166 4.49 15.18 -22.08
C PRO A 166 6.00 14.88 -22.15
N LYS A 167 6.59 14.49 -21.02
CA LYS A 167 8.02 14.19 -20.99
C LYS A 167 8.31 12.70 -21.23
N LEU A 168 7.26 11.90 -21.30
CA LEU A 168 7.41 10.46 -21.52
C LEU A 168 7.06 10.13 -22.97
N ASN A 169 8.07 9.80 -23.75
CA ASN A 169 7.89 9.48 -25.17
C ASN A 169 8.22 8.02 -25.49
N ASP A 170 9.28 7.49 -24.90
CA ASP A 170 9.67 6.12 -25.16
C ASP A 170 10.10 5.45 -23.86
N ILE A 171 10.43 4.17 -23.95
CA ILE A 171 10.81 3.39 -22.79
C ILE A 171 11.98 3.95 -21.97
N GLU A 172 12.98 4.53 -22.62
CA GLU A 172 14.11 5.08 -21.89
C GLU A 172 13.67 6.18 -20.92
N ASP A 173 12.59 6.89 -21.27
CA ASP A 173 12.09 7.96 -20.41
C ASP A 173 11.55 7.45 -19.07
N VAL A 174 11.04 6.22 -19.07
CA VAL A 174 10.50 5.65 -17.85
C VAL A 174 11.63 5.49 -16.84
N GLU A 175 12.80 5.06 -17.30
CA GLU A 175 13.94 4.89 -16.42
C GLU A 175 14.46 6.22 -15.92
N LYS A 176 14.29 7.25 -16.73
CA LYS A 176 14.73 8.58 -16.37
C LYS A 176 13.84 9.22 -15.31
N TYR A 177 12.53 9.07 -15.45
CA TYR A 177 11.67 9.73 -14.47
C TYR A 177 11.12 8.83 -13.38
N PHE A 178 11.20 7.52 -13.61
CA PHE A 178 10.74 6.50 -12.68
C PHE A 178 11.88 5.50 -12.48
N PRO A 179 13.06 6.01 -12.08
CA PRO A 179 14.22 5.12 -11.89
C PRO A 179 13.92 3.92 -10.96
N GLY A 180 14.27 2.73 -11.41
CA GLY A 180 14.04 1.54 -10.62
C GLY A 180 12.70 0.84 -10.86
N LEU A 181 11.74 1.56 -11.43
CA LEU A 181 10.42 0.97 -11.68
C LEU A 181 10.43 -0.24 -12.62
N LEU A 182 11.12 -0.14 -13.75
CA LEU A 182 11.15 -1.25 -14.68
C LEU A 182 11.79 -2.49 -14.09
N ARG A 183 12.83 -2.30 -13.27
CA ARG A 183 13.49 -3.45 -12.65
C ARG A 183 12.55 -4.05 -11.61
N ALA A 184 11.82 -3.20 -10.89
CA ALA A 184 10.88 -3.66 -9.88
C ALA A 184 9.72 -4.40 -10.56
N THR A 185 9.36 -3.95 -11.76
CA THR A 185 8.30 -4.55 -12.53
C THR A 185 8.69 -5.96 -12.97
N ASN A 186 9.95 -6.09 -13.39
CA ASN A 186 10.48 -7.39 -13.81
C ASN A 186 10.44 -8.33 -12.61
N GLU A 187 10.93 -7.86 -11.48
CA GLU A 187 10.93 -8.66 -10.28
C GLU A 187 9.52 -9.04 -9.85
N TRP A 188 8.64 -8.05 -9.79
CA TRP A 188 7.27 -8.27 -9.36
C TRP A 188 6.58 -9.40 -10.10
N PHE A 189 6.66 -9.36 -11.41
CA PHE A 189 5.97 -10.37 -12.24
C PHE A 189 6.67 -11.73 -12.23
N ARG A 190 7.94 -11.74 -11.83
CA ARG A 190 8.66 -12.99 -11.75
C ARG A 190 8.27 -13.74 -10.47
N ILE A 191 8.09 -12.99 -9.38
CA ILE A 191 7.79 -13.60 -8.09
C ILE A 191 6.40 -13.51 -7.48
N TYR A 192 5.50 -12.74 -8.06
CA TYR A 192 4.19 -12.58 -7.42
C TYR A 192 3.31 -13.81 -7.22
N LYS A 193 3.59 -14.90 -7.93
CA LYS A 193 2.77 -16.10 -7.77
C LYS A 193 3.45 -17.13 -6.88
N ILE A 194 4.67 -16.82 -6.45
CA ILE A 194 5.40 -17.74 -5.58
C ILE A 194 4.64 -17.92 -4.26
N PRO A 195 4.04 -16.85 -3.72
CA PRO A 195 3.30 -17.03 -2.46
C PRO A 195 2.09 -17.94 -2.66
N ASP A 196 1.70 -18.15 -3.92
CA ASP A 196 0.56 -19.01 -4.23
C ASP A 196 1.01 -20.45 -4.40
N GLY A 197 2.32 -20.68 -4.28
CA GLY A 197 2.84 -22.03 -4.44
C GLY A 197 3.24 -22.30 -5.87
N LYS A 198 3.32 -21.25 -6.70
CA LYS A 198 3.71 -21.44 -8.09
C LYS A 198 5.17 -21.07 -8.34
N PRO A 199 5.73 -21.58 -9.45
CA PRO A 199 7.14 -21.29 -9.78
C PRO A 199 7.33 -19.82 -10.11
N GLU A 200 8.59 -19.39 -10.13
CA GLU A 200 8.93 -18.03 -10.48
C GLU A 200 8.65 -17.95 -11.99
N ASN A 201 8.21 -16.79 -12.49
CA ASN A 201 7.97 -16.67 -13.93
C ASN A 201 9.26 -16.26 -14.61
N GLN A 202 9.22 -16.15 -15.94
CA GLN A 202 10.41 -15.77 -16.70
C GLN A 202 10.05 -14.75 -17.78
N PHE A 203 11.06 -14.04 -18.27
CA PHE A 203 10.87 -13.05 -19.34
C PHE A 203 11.76 -13.43 -20.52
N ALA A 204 11.33 -13.08 -21.73
CA ALA A 204 12.14 -13.33 -22.90
C ALA A 204 13.02 -12.09 -22.97
N PHE A 205 14.05 -12.11 -23.83
CA PHE A 205 14.95 -10.97 -23.99
C PHE A 205 15.60 -10.58 -22.67
N SER A 206 15.81 -11.56 -21.80
CA SER A 206 16.44 -11.30 -20.52
C SER A 206 15.72 -10.23 -19.72
N GLY A 207 14.40 -10.13 -19.92
CA GLY A 207 13.62 -9.14 -19.20
C GLY A 207 13.73 -7.73 -19.74
N GLU A 208 14.36 -7.57 -20.89
CA GLU A 208 14.49 -6.24 -21.47
C GLU A 208 13.12 -5.63 -21.74
N ALA A 209 13.01 -4.31 -21.53
CA ALA A 209 11.77 -3.60 -21.80
C ALA A 209 11.89 -3.08 -23.23
N LYS A 210 11.17 -3.71 -24.15
CA LYS A 210 11.20 -3.29 -25.54
C LYS A 210 10.57 -1.90 -25.66
N ASN A 211 10.93 -1.17 -26.71
CA ASN A 211 10.44 0.19 -26.85
C ASN A 211 9.04 0.37 -27.38
N LYS A 212 8.62 1.62 -27.44
CA LYS A 212 7.30 2.01 -27.90
C LYS A 212 6.89 1.41 -29.24
N LYS A 213 7.78 1.47 -30.24
CA LYS A 213 7.42 0.90 -31.54
C LYS A 213 7.21 -0.60 -31.44
N TYR A 214 8.06 -1.27 -30.67
CA TYR A 214 7.95 -2.71 -30.51
C TYR A 214 6.61 -2.98 -29.82
N ALA A 215 6.30 -2.16 -28.81
CA ALA A 215 5.05 -2.28 -28.06
C ALA A 215 3.84 -2.14 -29.01
N LEU A 216 3.85 -1.11 -29.84
CA LEU A 216 2.76 -0.88 -30.78
C LEU A 216 2.58 -2.09 -31.68
N ASP A 217 3.68 -2.67 -32.12
CA ASP A 217 3.63 -3.84 -33.00
C ASP A 217 2.93 -5.02 -32.34
N ILE A 218 3.25 -5.30 -31.08
CA ILE A 218 2.62 -6.40 -30.36
C ILE A 218 1.15 -6.09 -30.11
N ILE A 219 0.87 -4.86 -29.66
CA ILE A 219 -0.50 -4.44 -29.40
C ILE A 219 -1.36 -4.66 -30.64
N LYS A 220 -0.86 -4.18 -31.78
CA LYS A 220 -1.58 -4.34 -33.04
C LYS A 220 -1.77 -5.80 -33.40
N GLU A 221 -0.76 -6.64 -33.16
N GLU A 221 -0.75 -6.61 -33.13
CA GLU A 221 -0.91 -8.05 -33.48
CA GLU A 221 -0.81 -8.04 -33.40
C GLU A 221 -2.00 -8.68 -32.62
C GLU A 221 -1.96 -8.67 -32.62
N THR A 222 -2.05 -8.34 -31.34
CA THR A 222 -3.09 -8.88 -30.46
C THR A 222 -4.46 -8.33 -30.87
N HIS A 223 -4.47 -7.14 -31.45
CA HIS A 223 -5.72 -6.52 -31.90
C HIS A 223 -6.21 -7.35 -33.11
N ASP A 224 -5.28 -7.76 -33.97
CA ASP A 224 -5.66 -8.58 -35.13
C ASP A 224 -6.19 -9.94 -34.68
N SER A 225 -5.58 -10.50 -33.64
CA SER A 225 -6.02 -11.79 -33.12
C SER A 225 -7.45 -11.63 -32.66
N TRP A 226 -7.74 -10.49 -32.06
CA TRP A 226 -9.09 -10.23 -31.58
C TRP A 226 -10.06 -10.04 -32.76
N LYS A 227 -9.59 -9.41 -33.84
CA LYS A 227 -10.45 -9.20 -34.99
C LYS A 227 -10.95 -10.55 -35.51
N GLN A 228 -10.05 -11.53 -35.56
N GLN A 228 -10.06 -11.53 -35.57
CA GLN A 228 -10.39 -12.88 -36.02
CA GLN A 228 -10.45 -12.87 -36.04
C GLN A 228 -11.36 -13.52 -35.03
C GLN A 228 -11.38 -13.51 -35.02
N LEU A 229 -11.07 -13.33 -33.74
CA LEU A 229 -11.90 -13.88 -32.67
C LEU A 229 -13.32 -13.34 -32.75
N ILE A 230 -13.46 -12.01 -32.77
CA ILE A 230 -14.77 -11.39 -32.80
C ILE A 230 -15.55 -11.67 -34.10
N ALA A 231 -14.81 -11.94 -35.18
CA ALA A 231 -15.45 -12.25 -36.46
C ALA A 231 -15.96 -13.69 -36.42
N GLY A 232 -15.60 -14.40 -35.35
CA GLY A 232 -16.00 -15.80 -35.18
C GLY A 232 -15.12 -16.76 -35.96
N LYS A 233 -13.92 -16.32 -36.33
CA LYS A 233 -13.04 -17.15 -37.14
C LYS A 233 -11.87 -17.82 -36.42
N SER A 234 -11.89 -17.84 -35.09
CA SER A 234 -10.81 -18.49 -34.35
C SER A 234 -11.06 -20.00 -34.40
N SER A 235 -9.99 -20.78 -34.42
CA SER A 235 -10.13 -22.23 -34.45
C SER A 235 -10.68 -22.71 -33.12
N ASP A 236 -10.58 -21.86 -32.10
CA ASP A 236 -11.05 -22.21 -30.77
C ASP A 236 -11.11 -20.97 -29.89
N SER A 237 -12.32 -20.42 -29.74
CA SER A 237 -12.53 -19.22 -28.93
C SER A 237 -12.57 -19.48 -27.42
N LYS A 238 -12.34 -20.74 -27.03
CA LYS A 238 -12.30 -21.11 -25.61
C LYS A 238 -13.53 -20.79 -24.75
N GLY A 239 -14.69 -20.66 -25.36
CA GLY A 239 -15.88 -20.37 -24.57
C GLY A 239 -16.01 -18.90 -24.25
N ILE A 240 -15.11 -18.08 -24.77
CA ILE A 240 -15.18 -16.64 -24.54
C ILE A 240 -16.53 -16.12 -25.03
N ASP A 241 -17.21 -15.31 -24.22
CA ASP A 241 -18.49 -14.75 -24.63
C ASP A 241 -18.17 -13.57 -25.55
N LEU A 242 -18.55 -13.71 -26.81
CA LEU A 242 -18.28 -12.70 -27.82
C LEU A 242 -19.44 -11.73 -28.03
N THR A 243 -20.43 -11.78 -27.15
CA THR A 243 -21.58 -10.89 -27.27
C THR A 243 -21.07 -9.45 -27.19
N ASN A 244 -21.56 -8.60 -28.08
CA ASN A 244 -21.16 -7.20 -28.10
C ASN A 244 -22.36 -6.39 -28.53
N VAL A 245 -22.38 -5.10 -28.22
CA VAL A 245 -23.51 -4.27 -28.60
C VAL A 245 -23.16 -3.10 -29.50
N THR A 246 -21.94 -3.08 -30.03
CA THR A 246 -21.52 -1.98 -30.90
C THR A 246 -20.91 -2.41 -32.23
N LEU A 247 -20.79 -3.73 -32.44
CA LEU A 247 -20.21 -4.24 -33.68
C LEU A 247 -21.29 -5.00 -34.44
N PRO A 248 -22.15 -4.28 -35.16
CA PRO A 248 -23.25 -4.84 -35.94
C PRO A 248 -22.91 -5.84 -37.03
N ASP A 249 -21.67 -5.82 -37.52
CA ASP A 249 -21.28 -6.75 -38.56
C ASP A 249 -20.76 -8.07 -38.01
N THR A 250 -20.73 -8.21 -36.69
CA THR A 250 -20.25 -9.45 -36.08
C THR A 250 -21.40 -10.42 -35.81
N PRO A 251 -21.12 -11.73 -35.91
CA PRO A 251 -22.13 -12.77 -35.69
C PRO A 251 -22.79 -12.72 -34.32
N THR A 252 -22.05 -12.24 -33.33
CA THR A 252 -22.55 -12.19 -31.96
C THR A 252 -23.00 -10.81 -31.49
N TYR A 253 -23.29 -9.94 -32.44
CA TYR A 253 -23.77 -8.60 -32.12
C TYR A 253 -25.15 -8.79 -31.50
N SER A 254 -25.45 -8.03 -30.45
CA SER A 254 -26.74 -8.14 -29.80
C SER A 254 -27.13 -6.86 -29.06
N LYS A 255 -28.09 -6.13 -29.63
CA LYS A 255 -28.55 -4.89 -29.01
C LYS A 255 -29.12 -5.18 -27.63
N ALA A 256 -30.00 -6.18 -27.56
CA ALA A 256 -30.67 -6.60 -26.33
C ALA A 256 -29.77 -6.87 -25.11
N ALA A 257 -28.58 -7.40 -25.35
CA ALA A 257 -27.67 -7.72 -24.26
C ALA A 257 -27.50 -6.58 -23.25
N SER A 258 -27.45 -5.36 -23.73
CA SER A 258 -27.27 -4.20 -22.85
C SER A 258 -28.40 -4.04 -21.82
N ASP A 259 -29.64 -4.01 -22.29
CA ASP A 259 -30.79 -3.85 -21.41
C ASP A 259 -30.99 -5.02 -20.44
N ALA A 260 -30.39 -6.17 -20.75
CA ALA A 260 -30.53 -7.34 -19.88
C ALA A 260 -29.66 -7.25 -18.63
N ILE A 261 -28.75 -6.28 -18.59
CA ILE A 261 -27.88 -6.13 -17.42
C ILE A 261 -28.65 -5.53 -16.26
N PRO A 262 -28.50 -6.10 -15.06
CA PRO A 262 -29.22 -5.56 -13.90
C PRO A 262 -28.77 -4.13 -13.62
N PRO A 263 -29.60 -3.36 -12.92
CA PRO A 263 -29.22 -1.97 -12.60
C PRO A 263 -28.13 -2.02 -11.53
N ALA A 264 -27.51 -0.88 -11.26
CA ALA A 264 -26.48 -0.81 -10.23
C ALA A 264 -27.06 -1.19 -8.88
N SER A 265 -26.23 -1.79 -8.02
CA SER A 265 -26.64 -2.19 -6.68
C SER A 265 -25.35 -2.17 -5.88
N LEU A 266 -24.66 -1.03 -5.96
CA LEU A 266 -23.40 -0.85 -5.27
C LEU A 266 -23.54 -0.96 -3.76
N LYS A 267 -22.65 -1.73 -3.15
CA LYS A 267 -22.66 -1.88 -1.69
C LYS A 267 -21.26 -1.52 -1.21
N ALA A 268 -21.12 -1.28 0.09
CA ALA A 268 -19.83 -0.94 0.66
C ALA A 268 -18.89 -2.13 0.49
N ASP A 269 -17.60 -1.87 0.38
CA ASP A 269 -16.61 -2.93 0.23
C ASP A 269 -16.78 -3.96 1.35
N ALA A 270 -16.66 -5.24 1.01
CA ALA A 270 -16.76 -6.28 2.03
C ALA A 270 -15.37 -6.39 2.64
N PRO A 271 -15.28 -6.88 3.90
CA PRO A 271 -13.99 -7.01 4.56
C PRO A 271 -13.08 -8.01 3.83
N ILE A 272 -11.78 -7.86 3.99
CA ILE A 272 -10.82 -8.78 3.36
C ILE A 272 -10.09 -9.48 4.50
N ASP A 273 -9.97 -10.81 4.40
CA ASP A 273 -9.29 -11.56 5.44
C ASP A 273 -7.93 -10.94 5.78
N LYS A 274 -7.66 -10.82 7.07
CA LYS A 274 -6.42 -10.22 7.54
C LYS A 274 -5.15 -10.89 7.02
N SER A 275 -5.25 -12.13 6.55
CA SER A 275 -4.07 -12.83 6.03
C SER A 275 -3.49 -12.11 4.82
N ILE A 276 -4.34 -11.36 4.11
CA ILE A 276 -3.88 -10.63 2.93
C ILE A 276 -2.89 -9.52 3.30
N ASP A 277 -2.84 -9.15 4.58
CA ASP A 277 -1.91 -8.13 5.08
C ASP A 277 -0.48 -8.62 4.92
N LYS A 278 -0.28 -9.90 5.20
CA LYS A 278 1.03 -10.52 5.18
C LYS A 278 1.99 -10.11 4.09
N TRP A 279 3.19 -9.73 4.50
CA TRP A 279 4.23 -9.33 3.57
C TRP A 279 5.13 -10.54 3.39
N PHE A 280 5.21 -11.05 2.16
CA PHE A 280 6.06 -12.20 1.87
C PHE A 280 7.44 -11.76 1.47
N PHE A 281 8.45 -12.39 2.05
CA PHE A 281 9.83 -12.10 1.73
C PHE A 281 10.34 -13.27 0.92
N ILE A 282 10.07 -13.22 -0.38
CA ILE A 282 10.48 -14.29 -1.28
C ILE A 282 11.33 -13.78 -2.44
N SER A 283 11.82 -14.70 -3.25
CA SER A 283 12.65 -14.33 -4.40
C SER A 283 12.88 -15.51 -5.33
N GLY A 284 13.29 -15.22 -6.55
CA GLY A 284 13.55 -16.26 -7.52
C GLY A 284 14.87 -16.96 -7.26
N THR B 1 -8.41 -4.08 30.22
CA THR B 1 -8.41 -4.21 28.73
C THR B 1 -8.32 -2.84 28.06
N TYR B 2 -7.48 -2.74 27.02
CA TYR B 2 -7.36 -1.47 26.31
C TYR B 2 -8.22 -1.39 25.06
N THR B 3 -8.91 -0.28 24.92
CA THR B 3 -9.76 -0.05 23.75
C THR B 3 -9.50 1.37 23.30
N THR B 4 -10.18 1.79 22.24
CA THR B 4 -10.00 3.14 21.71
C THR B 4 -11.32 3.89 21.64
N ARG B 5 -11.25 5.21 21.82
CA ARG B 5 -12.42 6.07 21.73
C ARG B 5 -12.10 7.04 20.61
N GLN B 6 -12.79 6.90 19.50
CA GLN B 6 -12.57 7.75 18.35
C GLN B 6 -13.51 8.92 18.28
N ILE B 7 -12.94 10.11 18.06
CA ILE B 7 -13.69 11.34 17.93
C ILE B 7 -13.57 11.75 16.46
N GLY B 8 -14.71 11.95 15.81
CA GLY B 8 -14.70 12.37 14.43
C GLY B 8 -14.31 11.32 13.40
N ALA B 9 -14.03 11.81 12.19
CA ALA B 9 -13.65 10.95 11.07
C ALA B 9 -12.15 10.96 10.84
N LYS B 10 -11.60 9.79 10.54
CA LYS B 10 -10.19 9.67 10.26
C LYS B 10 -9.92 10.60 9.07
N ASN B 11 -8.71 11.16 9.02
CA ASN B 11 -8.30 12.06 7.95
C ASN B 11 -8.93 13.46 7.98
N THR B 12 -9.33 13.92 9.15
CA THR B 12 -9.87 15.26 9.32
C THR B 12 -9.19 15.89 10.52
N LEU B 13 -9.24 17.21 10.60
CA LEU B 13 -8.62 17.94 11.70
C LEU B 13 -9.27 17.66 13.06
N GLU B 14 -10.53 17.25 13.06
CA GLU B 14 -11.25 16.98 14.31
C GLU B 14 -10.96 15.60 14.91
N TYR B 15 -10.43 14.72 14.09
CA TYR B 15 -10.11 13.35 14.55
C TYR B 15 -9.13 13.17 15.72
N LYS B 16 -9.60 12.44 16.71
CA LYS B 16 -8.84 12.11 17.90
C LYS B 16 -9.11 10.67 18.28
N VAL B 17 -8.09 9.99 18.78
CA VAL B 17 -8.26 8.63 19.23
C VAL B 17 -7.64 8.57 20.61
N TYR B 18 -8.49 8.33 21.60
CA TYR B 18 -8.03 8.21 22.98
C TYR B 18 -7.96 6.74 23.26
N ILE B 19 -7.05 6.37 24.15
CA ILE B 19 -6.93 4.99 24.54
C ILE B 19 -7.67 4.85 25.85
N GLU B 20 -8.47 3.79 25.95
CA GLU B 20 -9.24 3.57 27.16
C GLU B 20 -8.81 2.31 27.89
N LYS B 21 -8.78 2.42 29.20
CA LYS B 21 -8.56 1.26 30.05
C LYS B 21 -9.82 0.87 30.81
N ASP B 22 -10.43 -0.26 30.49
CA ASP B 22 -11.69 -0.64 31.10
C ASP B 22 -12.72 0.49 30.87
N GLY B 23 -12.79 0.96 29.63
CA GLY B 23 -13.75 1.98 29.26
C GLY B 23 -13.45 3.43 29.64
N LYS B 24 -12.39 3.65 30.40
CA LYS B 24 -12.04 5.01 30.81
C LYS B 24 -10.80 5.54 30.09
N PRO B 25 -10.88 6.74 29.50
CA PRO B 25 -9.72 7.29 28.81
C PRO B 25 -8.56 7.47 29.78
N VAL B 26 -7.35 7.13 29.33
CA VAL B 26 -6.16 7.30 30.14
C VAL B 26 -5.15 7.96 29.22
N SER B 27 -4.06 8.48 29.77
CA SER B 27 -3.06 9.12 28.93
C SER B 27 -2.30 8.08 28.12
N ALA B 28 -2.29 8.25 26.80
CA ALA B 28 -1.58 7.33 25.90
C ALA B 28 -0.06 7.47 26.07
N PHE B 29 0.35 8.60 26.65
CA PHE B 29 1.74 8.91 26.87
C PHE B 29 2.23 8.41 28.23
N HIS B 30 1.50 8.76 29.28
CA HIS B 30 1.90 8.44 30.65
C HIS B 30 1.23 7.29 31.38
N ASP B 31 0.00 6.96 31.04
CA ASP B 31 -0.72 5.91 31.78
C ASP B 31 -0.61 4.47 31.36
N ILE B 32 -0.05 4.23 30.18
CA ILE B 32 0.10 2.87 29.70
C ILE B 32 1.48 2.41 30.14
N PRO B 33 1.53 1.33 30.96
CA PRO B 33 2.83 0.83 31.42
C PRO B 33 3.77 0.52 30.27
N LEU B 34 5.03 0.90 30.42
CA LEU B 34 6.03 0.62 29.39
C LEU B 34 6.11 -0.89 29.22
N TYR B 35 6.08 -1.63 30.33
CA TYR B 35 6.18 -3.09 30.27
C TYR B 35 4.86 -3.81 30.47
N ALA B 36 4.64 -4.82 29.63
CA ALA B 36 3.46 -5.65 29.74
C ALA B 36 3.91 -6.79 30.66
N ASP B 37 5.20 -7.11 30.55
CA ASP B 37 5.84 -8.16 31.34
C ASP B 37 7.30 -7.77 31.50
N LYS B 38 7.61 -7.05 32.58
CA LYS B 38 8.96 -6.58 32.84
C LYS B 38 10.01 -7.68 32.84
N GLU B 39 9.75 -8.76 33.58
CA GLU B 39 10.70 -9.87 33.68
C GLU B 39 11.12 -10.39 32.31
N ASN B 40 10.17 -10.44 31.38
CA ASN B 40 10.46 -10.93 30.03
C ASN B 40 10.66 -9.84 28.99
N ASN B 41 10.79 -8.60 29.46
CA ASN B 41 10.97 -7.47 28.56
C ASN B 41 9.93 -7.39 27.45
N ILE B 42 8.69 -7.70 27.78
CA ILE B 42 7.61 -7.60 26.80
C ILE B 42 7.04 -6.21 27.01
N PHE B 43 7.10 -5.38 25.97
CA PHE B 43 6.62 -4.02 26.06
C PHE B 43 5.24 -3.77 25.50
N ASN B 44 4.63 -2.69 25.98
CA ASN B 44 3.34 -2.26 25.47
C ASN B 44 3.70 -1.23 24.44
N MET B 45 3.24 -1.43 23.21
CA MET B 45 3.49 -0.49 22.14
C MET B 45 2.18 0.21 21.79
N VAL B 46 2.21 1.54 21.71
CA VAL B 46 1.03 2.29 21.31
C VAL B 46 1.18 2.50 19.81
N VAL B 47 0.25 1.97 19.03
CA VAL B 47 0.30 2.10 17.57
C VAL B 47 -0.36 3.40 17.15
N GLU B 48 0.35 4.14 16.32
CA GLU B 48 -0.16 5.40 15.80
C GLU B 48 -0.48 5.26 14.32
N ILE B 49 0.48 4.72 13.57
CA ILE B 49 0.36 4.59 12.12
C ILE B 49 0.42 3.16 11.57
N PRO B 50 -0.69 2.69 10.99
CA PRO B 50 -0.75 1.33 10.42
C PRO B 50 0.16 1.24 9.21
N ARG B 51 0.76 0.07 9.00
CA ARG B 51 1.64 -0.10 7.86
C ARG B 51 0.92 0.25 6.56
N TRP B 52 1.65 0.87 5.64
CA TRP B 52 1.15 1.29 4.33
C TRP B 52 0.12 2.43 4.29
N THR B 53 0.04 3.22 5.35
CA THR B 53 -0.86 4.38 5.35
C THR B 53 0.04 5.61 5.32
N ASN B 54 -0.54 6.78 5.07
CA ASN B 54 0.23 8.01 4.98
C ASN B 54 -0.02 9.06 6.07
N ALA B 55 -1.24 9.08 6.62
CA ALA B 55 -1.60 10.05 7.65
C ALA B 55 -0.63 10.00 8.83
N LYS B 56 0.05 11.11 9.09
CA LYS B 56 1.02 11.15 10.18
C LYS B 56 0.32 11.41 11.51
N LEU B 57 -0.23 10.34 12.06
CA LEU B 57 -0.94 10.38 13.35
C LEU B 57 0.09 10.23 14.44
N GLU B 58 -0.09 10.99 15.52
CA GLU B 58 0.84 10.95 16.62
C GLU B 58 0.20 11.20 17.96
N ILE B 59 0.73 10.55 18.98
CA ILE B 59 0.28 10.84 20.32
C ILE B 59 0.51 12.33 20.52
N THR B 60 -0.51 13.09 20.94
CA THR B 60 -0.31 14.53 21.10
C THR B 60 0.22 14.89 22.48
N LYS B 61 1.45 15.39 22.53
CA LYS B 61 2.07 15.76 23.80
C LYS B 61 1.39 16.92 24.50
N GLU B 62 0.86 17.87 23.72
CA GLU B 62 0.24 19.07 24.29
C GLU B 62 -1.26 19.02 24.62
N GLU B 63 -1.92 17.88 24.40
CA GLU B 63 -3.34 17.79 24.74
C GLU B 63 -3.55 16.81 25.90
N THR B 64 -4.50 17.12 26.76
CA THR B 64 -4.77 16.29 27.93
C THR B 64 -5.12 14.86 27.56
N LEU B 65 -4.43 13.94 28.22
CA LEU B 65 -4.56 12.51 28.02
C LEU B 65 -3.84 12.09 26.73
N ASN B 66 -3.32 13.08 26.01
CA ASN B 66 -2.42 12.77 24.91
C ASN B 66 -3.05 11.83 23.88
N PRO B 67 -4.21 12.25 23.35
CA PRO B 67 -4.88 11.43 22.33
C PRO B 67 -4.04 11.43 21.07
N ILE B 68 -4.29 10.46 20.19
CA ILE B 68 -3.56 10.40 18.94
C ILE B 68 -4.32 11.31 17.97
N ILE B 69 -3.60 12.26 17.38
CA ILE B 69 -4.18 13.21 16.45
C ILE B 69 -3.25 13.37 15.26
N GLN B 70 -3.81 13.64 14.10
CA GLN B 70 -2.97 13.78 12.93
C GLN B 70 -2.21 15.09 12.99
N ASP B 71 -0.92 14.97 12.69
CA ASP B 71 -0.03 16.12 12.67
C ASP B 71 -0.59 17.06 11.61
N THR B 72 -0.39 18.36 11.80
CA THR B 72 -0.88 19.36 10.86
C THR B 72 0.25 20.02 10.09
N LYS B 73 -0.12 20.60 8.95
CA LYS B 73 0.84 21.27 8.08
C LYS B 73 0.12 22.41 7.37
N LYS B 74 0.49 23.63 7.73
CA LYS B 74 -0.09 24.84 7.15
C LYS B 74 -1.62 24.85 7.11
N GLY B 75 -2.23 24.61 8.27
CA GLY B 75 -3.68 24.61 8.36
C GLY B 75 -4.36 23.35 7.87
N LYS B 76 -3.59 22.46 7.25
CA LYS B 76 -4.15 21.21 6.75
C LYS B 76 -3.50 20.03 7.43
N LEU B 77 -3.87 18.83 7.02
CA LEU B 77 -3.33 17.61 7.60
C LEU B 77 -2.00 17.22 6.98
N ARG B 78 -1.13 16.62 7.79
CA ARG B 78 0.17 16.19 7.29
C ARG B 78 0.13 14.71 6.90
N PHE B 79 0.58 14.42 5.69
CA PHE B 79 0.67 13.06 5.18
C PHE B 79 2.10 12.80 4.74
N VAL B 80 2.63 11.64 5.07
CA VAL B 80 3.98 11.31 4.63
C VAL B 80 3.79 10.83 3.19
N ARG B 81 4.67 11.27 2.29
CA ARG B 81 4.57 10.90 0.88
C ARG B 81 5.14 9.51 0.57
N ASN B 82 4.67 8.92 -0.52
CA ASN B 82 5.14 7.60 -0.94
C ASN B 82 6.46 7.78 -1.67
N CYS B 83 7.49 7.11 -1.16
CA CYS B 83 8.82 7.17 -1.75
C CYS B 83 9.16 5.78 -2.30
N PHE B 84 9.23 5.69 -3.63
CA PHE B 84 9.52 4.42 -4.29
C PHE B 84 10.72 3.73 -3.66
N PRO B 85 10.66 2.40 -3.48
CA PRO B 85 9.55 1.49 -3.80
C PRO B 85 8.52 1.30 -2.69
N HIS B 86 8.48 2.24 -1.75
CA HIS B 86 7.59 2.12 -0.60
C HIS B 86 6.22 2.81 -0.71
N HIS B 87 5.24 2.22 -0.03
CA HIS B 87 3.90 2.78 0.00
C HIS B 87 3.67 3.23 1.44
N GLY B 88 3.65 4.56 1.64
CA GLY B 88 3.45 5.09 2.98
C GLY B 88 4.49 4.51 3.93
N TYR B 89 4.06 4.22 5.15
CA TYR B 89 4.96 3.62 6.16
C TYR B 89 5.14 2.14 5.85
N ILE B 90 6.35 1.62 6.04
CA ILE B 90 6.59 0.22 5.76
C ILE B 90 6.57 -0.66 6.99
N HIS B 91 6.17 -0.09 8.13
CA HIS B 91 6.05 -0.83 9.38
C HIS B 91 4.86 -0.29 10.14
N ASN B 92 4.35 -1.07 11.08
CA ASN B 92 3.34 -0.54 11.95
C ASN B 92 4.11 0.44 12.80
N TYR B 93 3.77 1.72 12.73
CA TYR B 93 4.53 2.74 13.45
C TYR B 93 3.88 3.27 14.74
N GLY B 94 4.69 3.38 15.79
CA GLY B 94 4.17 3.88 17.04
C GLY B 94 5.26 4.27 18.02
N ALA B 95 4.97 4.08 19.30
CA ALA B 95 5.93 4.44 20.34
C ALA B 95 5.69 3.60 21.59
N PHE B 96 6.63 3.70 22.53
CA PHE B 96 6.51 3.02 23.80
C PHE B 96 6.07 4.12 24.74
N PRO B 97 4.99 3.90 25.49
CA PRO B 97 4.54 4.94 26.42
C PRO B 97 5.54 5.05 27.56
N GLN B 98 5.43 6.10 28.37
CA GLN B 98 6.33 6.30 29.50
C GLN B 98 7.82 6.33 29.12
N THR B 99 8.12 6.95 27.98
CA THR B 99 9.49 7.10 27.50
C THR B 99 9.57 8.51 26.96
N TRP B 100 10.77 9.06 26.90
CA TRP B 100 10.94 10.42 26.40
C TRP B 100 12.36 10.63 25.89
N GLU B 101 12.46 11.16 24.66
CA GLU B 101 13.76 11.46 24.06
C GLU B 101 14.06 12.87 24.58
N ASP B 102 14.75 12.95 25.70
CA ASP B 102 15.08 14.21 26.35
C ASP B 102 15.68 15.25 25.41
N PRO B 103 14.97 16.37 25.21
CA PRO B 103 15.45 17.44 24.32
C PRO B 103 16.37 18.41 25.06
N ASN B 104 16.47 18.27 26.37
CA ASN B 104 17.29 19.16 27.20
C ASN B 104 18.76 18.81 27.30
N VAL B 105 19.11 17.60 26.89
CA VAL B 105 20.50 17.17 26.96
C VAL B 105 20.91 16.48 25.68
N SER B 106 22.21 16.53 25.38
CA SER B 106 22.72 15.88 24.20
C SER B 106 22.98 14.43 24.55
N HIS B 107 22.63 13.52 23.65
CA HIS B 107 22.82 12.09 23.88
C HIS B 107 24.18 11.64 23.33
N PRO B 108 24.97 10.97 24.17
CA PRO B 108 26.32 10.44 23.88
C PRO B 108 26.47 9.66 22.58
N GLU B 109 25.59 8.70 22.35
CA GLU B 109 25.68 7.86 21.15
C GLU B 109 25.45 8.61 19.85
N THR B 110 24.55 9.58 19.89
CA THR B 110 24.20 10.33 18.69
C THR B 110 24.77 11.75 18.68
N LYS B 111 25.17 12.23 19.85
CA LYS B 111 25.73 13.58 19.98
C LYS B 111 24.72 14.63 19.56
N ALA B 112 23.47 14.42 19.92
CA ALA B 112 22.39 15.36 19.60
C ALA B 112 21.31 15.25 20.65
N VAL B 113 20.57 16.34 20.85
CA VAL B 113 19.47 16.34 21.82
C VAL B 113 18.36 15.43 21.29
N GLY B 114 17.50 14.95 22.17
CA GLY B 114 16.39 14.09 21.76
C GLY B 114 15.32 14.88 21.05
N ASP B 115 14.40 14.19 20.36
CA ASP B 115 13.36 14.89 19.63
C ASP B 115 12.13 15.24 20.47
N ASN B 116 12.25 15.13 21.79
N ASN B 116 12.26 15.18 21.79
CA ASN B 116 11.17 15.50 22.69
CA ASN B 116 11.17 15.51 22.69
C ASN B 116 9.94 14.57 22.70
C ASN B 116 9.89 14.73 22.39
N ASP B 117 10.04 13.41 22.24
N ASP B 117 10.03 13.44 21.99
CA ASP B 117 8.92 12.51 21.96
CA ASP B 117 8.91 12.51 21.94
C ASP B 117 9.20 11.16 22.58
C ASP B 117 9.20 11.15 22.55
N PRO B 118 8.16 10.36 22.81
CA PRO B 118 8.34 9.02 23.38
C PRO B 118 9.25 8.30 22.37
N ILE B 119 9.95 7.25 22.79
CA ILE B 119 10.81 6.54 21.86
C ILE B 119 9.94 5.88 20.79
N ASP B 120 10.44 5.86 19.56
CA ASP B 120 9.72 5.30 18.42
C ASP B 120 9.90 3.82 18.24
N VAL B 121 8.83 3.17 17.80
CA VAL B 121 8.84 1.73 17.60
C VAL B 121 8.33 1.33 16.23
N LEU B 122 9.06 0.40 15.61
CA LEU B 122 8.71 -0.13 14.29
C LEU B 122 8.29 -1.58 14.54
N GLU B 123 7.01 -1.88 14.38
CA GLU B 123 6.54 -3.24 14.60
C GLU B 123 6.45 -3.91 13.23
N ILE B 124 7.24 -4.96 13.07
CA ILE B 124 7.38 -5.67 11.80
C ILE B 124 6.52 -6.89 11.50
N GLY B 125 5.55 -7.18 12.36
CA GLY B 125 4.69 -8.33 12.15
C GLY B 125 3.90 -8.28 10.85
N GLU B 126 3.23 -9.36 10.51
CA GLU B 126 2.47 -9.42 9.27
C GLU B 126 1.13 -8.69 9.28
N THR B 127 0.46 -8.66 10.42
CA THR B 127 -0.83 -8.00 10.51
C THR B 127 -0.72 -6.48 10.59
N ILE B 128 -1.56 -5.78 9.80
CA ILE B 128 -1.56 -4.32 9.81
C ILE B 128 -2.29 -3.92 11.10
N ALA B 129 -1.65 -3.06 11.87
CA ALA B 129 -2.21 -2.62 13.15
C ALA B 129 -3.24 -1.52 12.96
N TYR B 130 -3.79 -1.02 14.07
CA TYR B 130 -4.75 0.08 14.00
C TYR B 130 -4.35 1.16 14.98
N THR B 131 -4.68 2.41 14.64
CA THR B 131 -4.36 3.56 15.47
C THR B 131 -5.00 3.44 16.86
N GLY B 132 -4.20 3.66 17.90
CA GLY B 132 -4.71 3.57 19.25
C GLY B 132 -4.55 2.18 19.83
N GLN B 133 -4.16 1.22 18.98
CA GLN B 133 -3.97 -0.14 19.44
C GLN B 133 -2.79 -0.26 20.41
N VAL B 134 -2.98 -1.04 21.46
CA VAL B 134 -1.93 -1.28 22.42
C VAL B 134 -1.59 -2.74 22.20
N LYS B 135 -0.42 -2.99 21.63
CA LYS B 135 -0.04 -4.38 21.41
C LYS B 135 1.21 -4.68 22.22
N GLN B 136 1.39 -5.96 22.53
N GLN B 136 1.39 -5.96 22.55
CA GLN B 136 2.57 -6.38 23.30
CA GLN B 136 2.55 -6.39 23.32
C GLN B 136 3.61 -6.86 22.33
C GLN B 136 3.61 -6.88 22.35
N VAL B 137 4.82 -6.33 22.47
CA VAL B 137 5.91 -6.69 21.59
C VAL B 137 7.22 -7.06 22.25
N LYS B 138 8.04 -7.77 21.48
CA LYS B 138 9.37 -8.16 21.91
C LYS B 138 10.30 -7.19 21.19
N ALA B 139 11.31 -6.67 21.89
CA ALA B 139 12.27 -5.76 21.27
C ALA B 139 13.30 -6.64 20.59
N LEU B 140 13.68 -6.28 19.37
CA LEU B 140 14.66 -7.08 18.63
C LEU B 140 15.95 -6.32 18.41
N GLY B 141 15.84 -5.00 18.25
CA GLY B 141 17.00 -4.18 18.02
C GLY B 141 16.63 -2.71 17.97
N ILE B 142 17.57 -1.87 17.55
CA ILE B 142 17.33 -0.44 17.49
C ILE B 142 18.26 0.25 16.50
N MET B 143 17.76 1.30 15.86
CA MET B 143 18.56 2.06 14.89
C MET B 143 18.69 3.50 15.39
N ALA B 144 19.91 4.03 15.31
CA ALA B 144 20.21 5.39 15.77
C ALA B 144 19.94 6.45 14.71
N LEU B 145 18.67 6.74 14.47
CA LEU B 145 18.34 7.73 13.47
C LEU B 145 18.51 9.14 14.00
N LEU B 146 19.15 9.98 13.20
CA LEU B 146 19.27 11.39 13.50
C LEU B 146 18.24 12.01 12.56
N ASP B 147 17.07 12.35 13.10
CA ASP B 147 16.04 12.94 12.27
C ASP B 147 16.14 14.45 12.34
N GLU B 148 16.50 15.05 11.22
CA GLU B 148 16.66 16.49 11.15
C GLU B 148 17.58 16.97 12.28
N GLY B 149 18.67 16.24 12.49
CA GLY B 149 19.62 16.61 13.51
C GLY B 149 19.28 16.27 14.95
N GLU B 150 18.21 15.51 15.19
CA GLU B 150 17.87 15.16 16.55
C GLU B 150 17.90 13.65 16.80
N THR B 151 18.27 13.27 18.01
CA THR B 151 18.31 11.86 18.40
C THR B 151 16.91 11.33 18.28
N ASP B 152 16.75 10.34 17.41
CA ASP B 152 15.44 9.80 17.14
C ASP B 152 15.46 8.28 16.94
N TRP B 153 15.90 7.58 17.97
CA TRP B 153 15.98 6.12 17.93
C TRP B 153 14.72 5.47 17.38
N LYS B 154 14.92 4.35 16.69
CA LYS B 154 13.83 3.58 16.12
C LYS B 154 14.00 2.15 16.61
N VAL B 155 13.10 1.72 17.49
CA VAL B 155 13.16 0.36 18.02
C VAL B 155 12.53 -0.60 17.02
N ILE B 156 13.17 -1.73 16.78
CA ILE B 156 12.62 -2.72 15.87
C ILE B 156 11.97 -3.75 16.80
N ALA B 157 10.68 -4.00 16.60
CA ALA B 157 10.00 -4.95 17.48
C ALA B 157 9.01 -5.83 16.73
N ILE B 158 8.53 -6.87 17.41
CA ILE B 158 7.58 -7.80 16.83
C ILE B 158 6.45 -8.10 17.81
N ASP B 159 5.22 -8.09 17.29
CA ASP B 159 4.02 -8.39 18.06
C ASP B 159 4.19 -9.83 18.59
N ILE B 160 4.01 -10.03 19.90
CA ILE B 160 4.16 -11.38 20.45
C ILE B 160 3.14 -12.37 19.89
N ASN B 161 2.11 -11.86 19.23
CA ASN B 161 1.08 -12.70 18.63
C ASN B 161 1.43 -13.07 17.19
N ASP B 162 2.49 -12.49 16.65
CA ASP B 162 2.86 -12.82 15.28
C ASP B 162 3.31 -14.26 15.14
N PRO B 163 2.86 -14.94 14.07
CA PRO B 163 3.25 -16.34 13.84
C PRO B 163 4.76 -16.55 13.94
N LEU B 164 5.54 -15.53 13.62
CA LEU B 164 7.00 -15.62 13.67
C LEU B 164 7.65 -15.13 14.97
N ALA B 165 6.84 -14.64 15.91
CA ALA B 165 7.39 -14.13 17.17
C ALA B 165 8.34 -15.12 17.85
N PRO B 166 7.99 -16.41 17.88
CA PRO B 166 8.86 -17.40 18.51
C PRO B 166 10.26 -17.46 17.89
N LYS B 167 10.35 -17.26 16.58
CA LYS B 167 11.63 -17.33 15.88
C LYS B 167 12.40 -16.01 15.83
N LEU B 168 11.75 -14.94 16.25
CA LEU B 168 12.37 -13.62 16.26
C LEU B 168 12.79 -13.25 17.68
N ASN B 169 14.08 -13.34 17.95
CA ASN B 169 14.57 -13.04 19.30
C ASN B 169 15.64 -11.97 19.40
N ASP B 170 16.37 -11.75 18.32
CA ASP B 170 17.39 -10.71 18.32
C ASP B 170 17.44 -10.13 16.92
N ILE B 171 18.10 -8.99 16.80
CA ILE B 171 18.19 -8.28 15.54
C ILE B 171 18.60 -9.12 14.32
N GLU B 172 19.51 -10.07 14.51
CA GLU B 172 19.94 -10.89 13.38
C GLU B 172 18.78 -11.66 12.76
N ASP B 173 17.80 -12.02 13.59
CA ASP B 173 16.65 -12.77 13.09
C ASP B 173 15.80 -11.99 12.10
N VAL B 174 15.88 -10.67 12.15
CA VAL B 174 15.11 -9.83 11.24
C VAL B 174 15.59 -10.03 9.80
N GLU B 175 16.91 -10.09 9.63
CA GLU B 175 17.47 -10.29 8.29
C GLU B 175 17.24 -11.74 7.86
N LYS B 176 17.23 -12.65 8.82
CA LYS B 176 17.03 -14.07 8.53
C LYS B 176 15.61 -14.36 8.03
N TYR B 177 14.61 -13.71 8.62
CA TYR B 177 13.23 -13.94 8.19
C TYR B 177 12.63 -12.83 7.34
N PHE B 178 13.15 -11.62 7.46
CA PHE B 178 12.67 -10.48 6.71
C PHE B 178 13.84 -9.86 5.94
N PRO B 179 14.50 -10.66 5.07
CA PRO B 179 15.65 -10.12 4.32
C PRO B 179 15.33 -8.82 3.58
N GLY B 180 16.20 -7.82 3.75
CA GLY B 180 15.99 -6.55 3.08
C GLY B 180 15.19 -5.53 3.89
N LEU B 181 14.42 -5.98 4.87
CA LEU B 181 13.63 -5.04 5.68
C LEU B 181 14.51 -4.01 6.38
N LEU B 182 15.61 -4.44 7.00
CA LEU B 182 16.47 -3.49 7.71
C LEU B 182 17.11 -2.45 6.78
N ARG B 183 17.55 -2.88 5.61
CA ARG B 183 18.16 -1.96 4.65
C ARG B 183 17.10 -0.97 4.16
N ALA B 184 15.90 -1.48 3.93
CA ALA B 184 14.79 -0.64 3.48
C ALA B 184 14.41 0.34 4.57
N THR B 185 14.48 -0.11 5.83
CA THR B 185 14.14 0.74 6.97
C THR B 185 15.12 1.90 7.05
N ASN B 186 16.39 1.60 6.83
CA ASN B 186 17.43 2.62 6.85
C ASN B 186 17.15 3.65 5.77
N GLU B 187 16.85 3.17 4.57
CA GLU B 187 16.55 4.04 3.44
C GLU B 187 15.28 4.86 3.67
N TRP B 188 14.23 4.21 4.16
CA TRP B 188 12.95 4.88 4.40
C TRP B 188 13.12 6.12 5.27
N PHE B 189 13.72 5.95 6.44
CA PHE B 189 13.91 7.08 7.33
C PHE B 189 14.95 8.08 6.85
N ARG B 190 15.81 7.70 5.91
CA ARG B 190 16.77 8.65 5.37
C ARG B 190 16.11 9.61 4.39
N ILE B 191 15.18 9.08 3.59
CA ILE B 191 14.54 9.87 2.54
C ILE B 191 13.08 10.28 2.66
N TYR B 192 12.35 9.73 3.62
CA TYR B 192 10.92 10.03 3.69
C TYR B 192 10.49 11.50 3.79
N LYS B 193 11.37 12.38 4.24
CA LYS B 193 11.01 13.78 4.34
C LYS B 193 11.55 14.63 3.20
N ILE B 194 12.30 14.01 2.30
CA ILE B 194 12.85 14.75 1.18
C ILE B 194 11.70 15.35 0.35
N PRO B 195 10.61 14.59 0.12
CA PRO B 195 9.54 15.19 -0.68
C PRO B 195 8.98 16.44 -0.02
N ASP B 196 9.23 16.60 1.27
CA ASP B 196 8.74 17.76 2.02
C ASP B 196 9.72 18.91 2.05
N GLY B 197 10.84 18.78 1.34
CA GLY B 197 11.82 19.85 1.33
C GLY B 197 12.89 19.71 2.41
N LYS B 198 12.83 18.64 3.19
CA LYS B 198 13.82 18.42 4.24
C LYS B 198 15.06 17.72 3.68
N PRO B 199 16.21 17.86 4.37
CA PRO B 199 17.46 17.22 3.93
C PRO B 199 17.33 15.72 4.20
N GLU B 200 18.20 14.93 3.59
CA GLU B 200 18.18 13.50 3.84
C GLU B 200 18.63 13.31 5.31
N ASN B 201 18.08 12.32 5.99
CA ASN B 201 18.47 12.09 7.37
C ASN B 201 19.73 11.25 7.42
N GLN B 202 20.24 11.04 8.63
CA GLN B 202 21.46 10.25 8.81
C GLN B 202 21.30 9.34 10.04
N PHE B 203 22.14 8.32 10.13
CA PHE B 203 22.11 7.38 11.25
C PHE B 203 23.49 7.30 11.86
N ALA B 204 23.57 7.06 13.17
CA ALA B 204 24.86 6.88 13.81
C ALA B 204 25.19 5.41 13.51
N PHE B 205 26.42 5.00 13.81
CA PHE B 205 26.84 3.62 13.59
C PHE B 205 26.68 3.13 12.16
N SER B 206 26.76 4.05 11.21
CA SER B 206 26.63 3.71 9.80
C SER B 206 25.30 3.03 9.49
N GLY B 207 24.29 3.33 10.30
CA GLY B 207 22.98 2.76 10.08
C GLY B 207 22.82 1.35 10.61
N GLU B 208 23.83 0.88 11.34
CA GLU B 208 23.74 -0.46 11.90
C GLU B 208 22.54 -0.58 12.84
N ALA B 209 21.88 -1.73 12.81
CA ALA B 209 20.76 -1.94 13.71
C ALA B 209 21.39 -2.66 14.91
N LYS B 210 21.48 -1.95 16.03
CA LYS B 210 22.05 -2.53 17.24
C LYS B 210 21.12 -3.65 17.72
N ASN B 211 21.67 -4.58 18.49
CA ASN B 211 20.88 -5.71 18.97
C ASN B 211 19.98 -5.41 20.15
N LYS B 212 19.24 -6.44 20.58
CA LYS B 212 18.30 -6.34 21.67
C LYS B 212 18.89 -5.79 22.95
N LYS B 213 20.03 -6.32 23.38
CA LYS B 213 20.67 -5.86 24.61
C LYS B 213 20.87 -4.34 24.55
N TYR B 214 21.42 -3.88 23.43
CA TYR B 214 21.67 -2.47 23.25
C TYR B 214 20.34 -1.71 23.27
N ALA B 215 19.36 -2.22 22.55
CA ALA B 215 18.04 -1.59 22.50
C ALA B 215 17.42 -1.46 23.90
N LEU B 216 17.52 -2.51 24.70
CA LEU B 216 16.97 -2.49 26.05
C LEU B 216 17.58 -1.38 26.89
N ASP B 217 18.88 -1.16 26.71
CA ASP B 217 19.56 -0.12 27.44
C ASP B 217 19.05 1.27 27.06
N ILE B 218 18.87 1.51 25.77
CA ILE B 218 18.36 2.81 25.30
C ILE B 218 16.91 3.00 25.76
N ILE B 219 16.10 1.96 25.63
CA ILE B 219 14.71 2.05 26.06
C ILE B 219 14.68 2.41 27.55
N LYS B 220 15.51 1.74 28.35
CA LYS B 220 15.55 2.02 29.77
C LYS B 220 15.92 3.48 30.02
N GLU B 221 16.85 4.01 29.22
N GLU B 221 16.84 3.99 29.19
CA GLU B 221 17.26 5.40 29.37
CA GLU B 221 17.29 5.37 29.29
C GLU B 221 16.11 6.36 29.07
C GLU B 221 16.13 6.34 29.07
N THR B 222 15.38 6.11 27.99
CA THR B 222 14.25 6.98 27.65
C THR B 222 13.13 6.86 28.70
N HIS B 223 13.06 5.70 29.36
CA HIS B 223 12.07 5.47 30.40
C HIS B 223 12.46 6.26 31.65
N ASP B 224 13.76 6.27 31.96
CA ASP B 224 14.25 7.04 33.10
C ASP B 224 14.02 8.52 32.85
N SER B 225 14.19 8.94 31.60
N SER B 225 14.18 8.93 31.60
CA SER B 225 13.97 10.34 31.24
CA SER B 225 13.97 10.32 31.22
C SER B 225 12.52 10.70 31.49
C SER B 225 12.53 10.70 31.48
N TRP B 226 11.61 9.81 31.11
CA TRP B 226 10.18 10.05 31.31
C TRP B 226 9.85 10.07 32.80
N LYS B 227 10.48 9.19 33.58
CA LYS B 227 10.23 9.15 35.02
C LYS B 227 10.55 10.50 35.62
N GLN B 228 11.60 11.14 35.12
CA GLN B 228 12.00 12.45 35.60
C GLN B 228 10.95 13.47 35.18
N LEU B 229 10.57 13.39 33.91
CA LEU B 229 9.58 14.29 33.34
C LEU B 229 8.26 14.24 34.08
N ILE B 230 7.68 13.05 34.17
CA ILE B 230 6.38 12.87 34.82
C ILE B 230 6.39 13.25 36.30
N ALA B 231 7.56 13.20 36.93
CA ALA B 231 7.69 13.56 38.35
C ALA B 231 7.73 15.08 38.48
N GLY B 232 7.79 15.75 37.33
CA GLY B 232 7.85 17.21 37.32
C GLY B 232 9.25 17.65 37.65
N LYS B 233 10.23 16.76 37.45
CA LYS B 233 11.61 17.09 37.77
C LYS B 233 12.53 17.34 36.59
N SER B 234 11.97 17.57 35.41
CA SER B 234 12.79 17.89 34.26
C SER B 234 13.05 19.38 34.42
N SER B 235 14.12 19.89 33.83
CA SER B 235 14.38 21.31 33.93
C SER B 235 13.46 22.06 32.98
N ASP B 236 12.89 21.34 32.03
CA ASP B 236 12.01 21.96 31.04
C ASP B 236 11.18 20.89 30.34
N SER B 237 9.91 20.81 30.70
CA SER B 237 8.99 19.82 30.12
C SER B 237 8.42 20.24 28.76
N LYS B 238 8.91 21.36 28.23
CA LYS B 238 8.49 21.87 26.92
C LYS B 238 6.97 21.94 26.69
N GLY B 239 6.23 22.29 27.73
CA GLY B 239 4.79 22.42 27.57
C GLY B 239 4.04 21.12 27.31
N ILE B 240 4.69 19.99 27.58
CA ILE B 240 4.04 18.70 27.40
C ILE B 240 2.98 18.60 28.49
N ASP B 241 1.81 18.09 28.14
CA ASP B 241 0.76 17.93 29.13
C ASP B 241 1.04 16.64 29.88
N LEU B 242 1.35 16.77 31.16
CA LEU B 242 1.70 15.64 32.03
C LEU B 242 0.52 15.11 32.85
N THR B 243 -0.69 15.50 32.48
CA THR B 243 -1.87 15.03 33.19
C THR B 243 -1.97 13.52 33.02
N ASN B 244 -2.22 12.81 34.11
CA ASN B 244 -2.35 11.36 34.03
C ASN B 244 -3.42 10.94 35.04
N VAL B 245 -3.96 9.74 34.87
CA VAL B 245 -5.02 9.28 35.76
C VAL B 245 -4.68 7.99 36.50
N THR B 246 -3.43 7.54 36.43
CA THR B 246 -3.03 6.31 37.10
C THR B 246 -1.76 6.42 37.92
N LEU B 247 -1.20 7.62 38.02
CA LEU B 247 0.06 7.79 38.75
C LEU B 247 -0.20 8.73 39.93
N PRO B 248 -0.79 8.23 41.01
CA PRO B 248 -1.26 9.15 42.07
C PRO B 248 -0.16 9.87 42.80
N ASP B 249 1.10 9.49 42.64
CA ASP B 249 2.16 10.21 43.34
C ASP B 249 2.82 11.29 42.49
N THR B 250 2.28 11.54 41.31
CA THR B 250 2.82 12.57 40.42
C THR B 250 2.06 13.88 40.63
N PRO B 251 2.74 15.02 40.49
CA PRO B 251 2.11 16.33 40.67
C PRO B 251 0.92 16.58 39.76
N THR B 252 0.94 15.98 38.58
CA THR B 252 -0.12 16.20 37.62
C THR B 252 -1.18 15.12 37.55
N TYR B 253 -1.27 14.33 38.61
CA TYR B 253 -2.27 13.29 38.71
C TYR B 253 -3.64 13.94 38.82
N SER B 254 -4.60 13.46 38.03
CA SER B 254 -5.95 14.02 38.05
C SER B 254 -6.93 13.06 37.38
N LYS B 255 -7.54 12.18 38.17
CA LYS B 255 -8.49 11.21 37.62
C LYS B 255 -9.64 11.85 36.86
N ALA B 256 -10.01 13.07 37.24
CA ALA B 256 -11.12 13.75 36.59
C ALA B 256 -10.85 13.96 35.11
N ALA B 257 -9.58 13.93 34.72
CA ALA B 257 -9.25 14.12 33.32
C ALA B 257 -9.95 13.09 32.43
N SER B 258 -10.09 11.87 32.93
N SER B 258 -10.08 11.87 32.93
CA SER B 258 -10.73 10.80 32.16
CA SER B 258 -10.72 10.79 32.17
C SER B 258 -12.19 11.15 31.85
C SER B 258 -12.18 11.12 31.86
N ASP B 259 -12.90 11.59 32.88
CA ASP B 259 -14.30 11.96 32.78
C ASP B 259 -14.56 13.20 31.96
N ALA B 260 -13.51 13.99 31.73
CA ALA B 260 -13.62 15.22 30.96
C ALA B 260 -13.69 14.94 29.46
N ILE B 261 -13.19 13.77 29.04
CA ILE B 261 -13.18 13.43 27.62
C ILE B 261 -14.58 13.18 27.07
N PRO B 262 -14.93 13.81 25.94
CA PRO B 262 -16.27 13.60 25.39
C PRO B 262 -16.43 12.15 24.93
N PRO B 263 -17.68 11.70 24.71
CA PRO B 263 -17.89 10.33 24.27
C PRO B 263 -17.42 10.11 22.84
N ALA B 264 -17.34 8.84 22.45
CA ALA B 264 -16.93 8.48 21.09
C ALA B 264 -17.94 9.10 20.13
N SER B 265 -17.47 9.53 18.97
CA SER B 265 -18.34 10.10 17.96
C SER B 265 -17.69 9.75 16.64
N LEU B 266 -17.47 8.44 16.48
CA LEU B 266 -16.83 7.86 15.31
C LEU B 266 -17.63 8.08 14.04
N LYS B 267 -16.94 8.53 13.00
CA LYS B 267 -17.56 8.77 11.71
C LYS B 267 -16.74 8.01 10.67
N ALA B 268 -17.32 7.82 9.49
CA ALA B 268 -16.64 7.11 8.41
C ALA B 268 -15.38 7.87 8.02
N ASP B 269 -14.36 7.15 7.58
CA ASP B 269 -13.11 7.78 7.15
C ASP B 269 -13.42 8.86 6.13
N ALA B 270 -12.70 9.99 6.21
CA ALA B 270 -12.91 11.06 5.24
C ALA B 270 -11.94 10.75 4.09
N PRO B 271 -12.27 11.19 2.88
CA PRO B 271 -11.38 10.92 1.75
C PRO B 271 -10.07 11.70 1.90
N ILE B 272 -9.02 11.20 1.25
CA ILE B 272 -7.70 11.83 1.28
C ILE B 272 -7.39 12.39 -0.09
N ASP B 273 -6.82 13.59 -0.12
CA ASP B 273 -6.46 14.24 -1.38
C ASP B 273 -5.67 13.28 -2.27
N LYS B 274 -6.11 13.15 -3.52
CA LYS B 274 -5.48 12.26 -4.48
C LYS B 274 -4.00 12.52 -4.70
N SER B 275 -3.53 13.71 -4.32
CA SER B 275 -2.12 14.03 -4.49
C SER B 275 -1.28 13.11 -3.61
N ILE B 276 -1.88 12.59 -2.54
CA ILE B 276 -1.16 11.69 -1.63
C ILE B 276 -0.84 10.37 -2.32
N ASP B 277 -1.49 10.11 -3.45
CA ASP B 277 -1.24 8.89 -4.22
C ASP B 277 0.15 8.91 -4.79
N LYS B 278 0.60 10.10 -5.18
CA LYS B 278 1.88 10.27 -5.86
C LYS B 278 3.06 9.50 -5.29
N TRP B 279 3.78 8.87 -6.21
CA TRP B 279 4.95 8.08 -5.86
C TRP B 279 6.20 8.89 -6.24
N PHE B 280 6.99 9.24 -5.23
CA PHE B 280 8.21 10.01 -5.47
C PHE B 280 9.41 9.11 -5.66
N PHE B 281 10.24 9.45 -6.65
CA PHE B 281 11.45 8.71 -6.94
C PHE B 281 12.64 9.58 -6.51
N ILE B 282 13.10 9.34 -5.29
CA ILE B 282 14.21 10.08 -4.70
C ILE B 282 15.55 9.40 -4.95
#